data_3FHM
#
_entry.id   3FHM
#
_cell.length_a   53.247
_cell.length_b   58.075
_cell.length_c   59.056
_cell.angle_alpha   115.21
_cell.angle_beta   106.15
_cell.angle_gamma   94.94
#
_symmetry.space_group_name_H-M   'P 1'
#
loop_
_entity.id
_entity.type
_entity.pdbx_description
1 polymer 'uncharacterized protein ATU1752'
2 non-polymer 'ADENOSINE MONOPHOSPHATE'
3 non-polymer '1,4-DIHYDRONICOTINAMIDE ADENINE DINUCLEOTIDE'
4 non-polymer 'SULFATE ION'
5 water water
#
_entity_poly.entity_id   1
_entity_poly.type   'polypeptide(L)'
_entity_poly.pdbx_seq_one_letter_code
;MGSSHHHHHHSSGRENLYFQGMATFVKDLLDRKGRDVVTVGPDVSIGEAAGTLHAHKIGAVVVTDADGVVLGIFTERDLV
KAVAGQGAASLQQSVSVAMTKNVVRCQHNSTTDQLMEIMTGGRFRHVPVEENGRLAGIISIGDVVKARIGEIEAEAEHIK
AYIAG
;
_entity_poly.pdbx_strand_id   A,B,C,D
#
loop_
_chem_comp.id
_chem_comp.type
_chem_comp.name
_chem_comp.formula
AMP non-polymer 'ADENOSINE MONOPHOSPHATE' 'C10 H14 N5 O7 P'
NAI non-polymer '1,4-DIHYDRONICOTINAMIDE ADENINE DINUCLEOTIDE' 'C21 H29 N7 O14 P2'
SO4 non-polymer 'SULFATE ION' 'O4 S -2'
#
# COMPACT_ATOMS: atom_id res chain seq x y z
N ASN A 16 -10.52 -26.62 -30.10
CA ASN A 16 -11.13 -27.05 -28.82
C ASN A 16 -12.57 -26.45 -28.66
N LEU A 17 -13.45 -27.04 -27.83
CA LEU A 17 -14.83 -26.53 -27.69
C LEU A 17 -15.34 -26.64 -26.23
N TYR A 18 -16.09 -25.64 -25.73
CA TYR A 18 -16.46 -25.49 -24.28
C TYR A 18 -17.93 -25.26 -23.96
N PHE A 19 -18.38 -25.65 -22.75
CA PHE A 19 -19.80 -25.46 -22.32
C PHE A 19 -19.97 -24.15 -21.48
N GLN A 20 -21.22 -23.90 -21.08
CA GLN A 20 -21.72 -22.59 -20.69
C GLN A 20 -21.89 -22.44 -19.16
N GLY A 21 -21.14 -21.51 -18.59
CA GLY A 21 -21.08 -21.35 -17.14
C GLY A 21 -20.24 -22.42 -16.43
N MET A 22 -19.00 -22.57 -16.85
CA MET A 22 -18.10 -23.52 -16.22
C MET A 22 -16.81 -22.76 -15.93
N ALA A 23 -16.96 -21.43 -15.88
CA ALA A 23 -15.86 -20.48 -15.77
C ALA A 23 -14.67 -20.87 -16.69
N THR A 24 -14.89 -20.75 -17.98
CA THR A 24 -13.87 -21.11 -18.97
C THR A 24 -13.27 -19.85 -19.66
N PHE A 25 -13.94 -18.72 -19.59
CA PHE A 25 -13.48 -17.57 -20.35
C PHE A 25 -13.08 -16.46 -19.41
N VAL A 26 -12.17 -15.58 -19.89
CA VAL A 26 -11.75 -14.40 -19.13
C VAL A 26 -12.95 -13.54 -18.65
N LYS A 27 -13.89 -13.26 -19.54
CA LYS A 27 -15.14 -12.55 -19.19
C LYS A 27 -15.83 -13.09 -17.91
N ASP A 28 -15.81 -14.41 -17.74
CA ASP A 28 -16.45 -15.10 -16.62
C ASP A 28 -15.75 -14.86 -15.29
N LEU A 29 -14.42 -14.87 -15.34
CA LEU A 29 -13.59 -14.66 -14.15
C LEU A 29 -13.75 -13.22 -13.66
N LEU A 30 -13.81 -12.29 -14.63
CA LEU A 30 -13.99 -10.89 -14.32
C LEU A 30 -15.29 -10.60 -13.60
N ASP A 31 -16.36 -11.27 -14.02
CA ASP A 31 -17.67 -11.18 -13.41
C ASP A 31 -17.73 -11.60 -11.95
N ARG A 32 -16.85 -12.53 -11.61
CA ARG A 32 -16.78 -13.08 -10.24
C ARG A 32 -15.94 -12.19 -9.36
N LYS A 33 -14.73 -11.83 -9.82
CA LYS A 33 -13.73 -11.14 -8.98
C LYS A 33 -13.71 -9.60 -9.07
N GLY A 34 -13.89 -9.04 -10.26
CA GLY A 34 -13.98 -7.58 -10.42
C GLY A 34 -13.20 -7.07 -11.60
N ARG A 35 -13.60 -5.91 -12.09
CA ARG A 35 -12.93 -5.32 -13.28
C ARG A 35 -11.85 -4.28 -12.99
N ASP A 36 -11.66 -3.93 -11.72
CA ASP A 36 -10.72 -2.89 -11.36
C ASP A 36 -9.25 -3.23 -11.50
N VAL A 37 -8.42 -2.25 -11.84
CA VAL A 37 -6.95 -2.47 -11.79
C VAL A 37 -6.21 -1.46 -10.93
N VAL A 38 -5.38 -1.95 -9.99
CA VAL A 38 -4.52 -1.03 -9.25
C VAL A 38 -3.26 -0.65 -10.03
N THR A 39 -3.02 0.66 -10.03
CA THR A 39 -1.94 1.22 -10.77
C THR A 39 -1.10 2.20 -9.92
N VAL A 40 0.18 2.30 -10.30
CA VAL A 40 1.11 3.40 -9.94
C VAL A 40 1.65 4.17 -11.20
N GLY A 41 1.97 5.46 -11.04
CA GLY A 41 2.72 6.26 -12.06
C GLY A 41 4.23 5.95 -12.12
N PRO A 42 4.95 6.43 -13.16
CA PRO A 42 6.31 5.92 -13.44
C PRO A 42 7.40 6.47 -12.56
N ASP A 43 7.09 7.55 -11.82
CA ASP A 43 8.10 8.31 -11.09
C ASP A 43 8.12 8.01 -9.60
N VAL A 44 7.05 7.37 -9.12
CA VAL A 44 7.06 6.58 -7.89
C VAL A 44 8.35 5.74 -7.79
N SER A 45 8.93 5.71 -6.60
CA SER A 45 10.08 4.83 -6.34
C SER A 45 9.68 3.35 -6.02
N ILE A 46 10.66 2.46 -6.22
CA ILE A 46 10.55 1.03 -5.98
C ILE A 46 10.01 0.76 -4.60
N GLY A 47 10.56 1.49 -3.64
CA GLY A 47 10.13 1.33 -2.23
C GLY A 47 8.67 1.64 -1.97
N GLU A 48 8.14 2.60 -2.74
CA GLU A 48 6.74 2.99 -2.62
C GLU A 48 5.80 2.07 -3.42
N ALA A 49 6.25 1.56 -4.57
CA ALA A 49 5.53 0.52 -5.28
C ALA A 49 5.33 -0.68 -4.37
N ALA A 50 6.38 -1.10 -3.67
CA ALA A 50 6.21 -2.16 -2.70
C ALA A 50 5.17 -1.81 -1.65
N GLY A 51 5.09 -0.57 -1.15
CA GLY A 51 4.13 -0.23 -0.13
C GLY A 51 2.71 -0.34 -0.67
N THR A 52 2.52 -0.03 -1.96
CA THR A 52 1.24 -0.21 -2.63
C THR A 52 0.86 -1.69 -2.79
N LEU A 53 1.82 -2.50 -3.31
CA LEU A 53 1.64 -3.99 -3.21
C LEU A 53 1.04 -4.46 -1.80
N HIS A 54 1.58 -3.95 -0.71
CA HIS A 54 1.17 -4.46 0.55
C HIS A 54 -0.18 -3.95 1.09
N ALA A 55 -0.45 -2.65 0.99
CA ALA A 55 -1.73 -2.12 1.41
C ALA A 55 -2.90 -2.76 0.60
N HIS A 56 -2.73 -3.03 -0.71
CA HIS A 56 -3.81 -3.62 -1.50
C HIS A 56 -3.81 -5.18 -1.48
N LYS A 57 -2.82 -5.80 -0.78
CA LYS A 57 -2.63 -7.25 -0.75
C LYS A 57 -2.55 -7.85 -2.15
N ILE A 58 -1.83 -7.23 -3.07
CA ILE A 58 -1.65 -7.85 -4.39
C ILE A 58 -0.17 -8.09 -4.77
N GLY A 59 0.10 -8.85 -5.80
CA GLY A 59 1.47 -9.11 -6.19
C GLY A 59 2.00 -8.28 -7.35
N ALA A 60 1.16 -7.43 -7.93
CA ALA A 60 1.42 -6.76 -9.16
C ALA A 60 0.78 -5.37 -9.18
N VAL A 61 1.43 -4.44 -9.89
CA VAL A 61 0.84 -3.15 -10.18
C VAL A 61 1.22 -2.76 -11.61
N VAL A 62 0.27 -2.17 -12.31
CA VAL A 62 0.50 -1.77 -13.70
C VAL A 62 0.96 -0.31 -13.70
N VAL A 63 2.05 -0.05 -14.43
CA VAL A 63 2.61 1.29 -14.58
C VAL A 63 1.97 2.05 -15.75
N THR A 64 1.23 3.11 -15.41
CA THR A 64 0.52 3.98 -16.36
C THR A 64 1.05 5.43 -16.30
N ASP A 65 1.01 6.16 -17.43
CA ASP A 65 1.37 7.60 -17.46
C ASP A 65 0.19 8.55 -17.22
N ALA A 66 0.48 9.84 -17.24
CA ALA A 66 -0.51 10.88 -17.07
C ALA A 66 -1.75 10.70 -17.95
N ASP A 67 -1.57 10.06 -19.11
CA ASP A 67 -2.58 10.02 -20.17
C ASP A 67 -3.35 8.70 -20.24
N GLY A 68 -2.89 7.73 -19.46
CA GLY A 68 -3.55 6.44 -19.38
C GLY A 68 -2.84 5.30 -20.08
N VAL A 69 -1.71 5.58 -20.73
CA VAL A 69 -0.96 4.58 -21.52
C VAL A 69 -0.28 3.55 -20.60
N VAL A 70 -0.37 2.25 -20.91
CA VAL A 70 0.35 1.28 -20.13
C VAL A 70 1.81 1.28 -20.51
N LEU A 71 2.66 1.52 -19.51
CA LEU A 71 4.09 1.64 -19.72
C LEU A 71 4.82 0.36 -19.42
N GLY A 72 4.26 -0.44 -18.49
CA GLY A 72 4.88 -1.66 -18.03
C GLY A 72 4.23 -2.23 -16.77
N ILE A 73 4.90 -3.21 -16.19
CA ILE A 73 4.28 -3.96 -15.11
C ILE A 73 5.41 -4.30 -14.10
N PHE A 74 5.13 -4.11 -12.82
CA PHE A 74 6.10 -4.35 -11.75
C PHE A 74 5.49 -5.36 -10.77
N THR A 75 6.22 -6.43 -10.47
CA THR A 75 5.70 -7.45 -9.49
C THR A 75 6.70 -7.66 -8.38
N GLU A 76 6.23 -8.35 -7.33
CA GLU A 76 7.17 -8.82 -6.27
C GLU A 76 8.50 -9.47 -6.83
N ARG A 77 8.42 -10.10 -8.02
CA ARG A 77 9.59 -10.74 -8.51
C ARG A 77 10.61 -9.70 -9.02
N ASP A 78 10.15 -8.58 -9.57
CA ASP A 78 11.07 -7.49 -9.89
C ASP A 78 11.70 -6.88 -8.64
N LEU A 79 10.94 -6.86 -7.52
CA LEU A 79 11.46 -6.40 -6.22
C LEU A 79 12.70 -7.20 -5.84
N VAL A 80 12.53 -8.51 -5.69
CA VAL A 80 13.69 -9.43 -5.50
C VAL A 80 14.96 -9.22 -6.42
N LYS A 81 14.78 -9.13 -7.74
CA LYS A 81 15.89 -8.90 -8.67
C LYS A 81 16.64 -7.58 -8.38
N ALA A 82 15.86 -6.55 -7.98
CA ALA A 82 16.34 -5.19 -7.72
C ALA A 82 17.25 -5.18 -6.55
N VAL A 83 16.75 -5.72 -5.43
CA VAL A 83 17.56 -5.74 -4.21
C VAL A 83 18.75 -6.73 -4.28
N ALA A 84 18.60 -7.81 -5.06
CA ALA A 84 19.69 -8.78 -5.29
C ALA A 84 20.87 -8.07 -5.86
N GLY A 85 20.60 -7.28 -6.92
CA GLY A 85 21.60 -6.56 -7.68
C GLY A 85 22.13 -5.32 -7.04
N GLN A 86 21.28 -4.46 -6.44
CA GLN A 86 21.74 -3.14 -5.94
C GLN A 86 21.37 -2.74 -4.50
N GLY A 87 20.98 -3.74 -3.72
CA GLY A 87 20.70 -3.55 -2.29
C GLY A 87 19.80 -2.38 -1.93
N ALA A 88 20.10 -1.79 -0.77
CA ALA A 88 19.42 -0.62 -0.23
C ALA A 88 19.15 0.57 -1.21
N ALA A 89 20.08 0.82 -2.13
CA ALA A 89 20.01 1.95 -3.08
C ALA A 89 18.86 1.82 -4.08
N SER A 90 18.41 0.59 -4.29
CA SER A 90 17.47 0.34 -5.36
C SER A 90 16.05 0.78 -4.95
N LEU A 91 15.79 0.89 -3.63
CA LEU A 91 14.51 1.39 -3.13
C LEU A 91 14.23 2.85 -3.52
N GLN A 92 15.31 3.62 -3.76
CA GLN A 92 15.29 5.03 -4.17
C GLN A 92 15.04 5.20 -5.65
N GLN A 93 15.45 4.20 -6.43
CA GLN A 93 15.30 4.23 -7.89
C GLN A 93 13.84 4.15 -8.35
N SER A 94 13.60 4.74 -9.51
CA SER A 94 12.27 4.86 -10.03
C SER A 94 11.77 3.49 -10.51
N VAL A 95 10.50 3.21 -10.23
CA VAL A 95 9.88 1.97 -10.69
C VAL A 95 10.13 1.61 -12.19
N SER A 96 10.41 2.62 -13.01
CA SER A 96 10.63 2.47 -14.47
C SER A 96 11.88 1.66 -14.85
N VAL A 97 12.88 1.63 -13.96
CA VAL A 97 14.14 0.95 -14.30
C VAL A 97 14.08 -0.53 -14.00
N ALA A 98 13.06 -0.96 -13.27
CA ALA A 98 13.00 -2.36 -12.90
C ALA A 98 11.83 -3.11 -13.57
N MET A 99 10.87 -2.34 -14.09
CA MET A 99 9.59 -2.84 -14.59
C MET A 99 9.83 -3.52 -15.91
N THR A 100 8.93 -4.41 -16.28
CA THR A 100 8.93 -5.08 -17.58
C THR A 100 8.09 -4.26 -18.55
N LYS A 101 8.73 -3.75 -19.61
CA LYS A 101 8.08 -2.84 -20.61
C LYS A 101 7.20 -3.56 -21.64
N ASN A 102 7.65 -4.71 -22.14
CA ASN A 102 6.83 -5.53 -23.05
C ASN A 102 5.82 -6.39 -22.37
N VAL A 103 4.62 -5.85 -22.25
CA VAL A 103 3.54 -6.43 -21.51
C VAL A 103 2.66 -7.35 -22.38
N VAL A 104 2.60 -8.67 -22.10
CA VAL A 104 1.69 -9.62 -22.80
C VAL A 104 0.25 -9.57 -22.19
N ARG A 105 -0.79 -9.57 -23.04
CA ARG A 105 -2.21 -9.39 -22.65
C ARG A 105 -3.12 -10.53 -23.13
N CYS A 106 -4.32 -10.61 -22.56
CA CYS A 106 -5.41 -11.41 -23.17
C CYS A 106 -6.74 -10.64 -23.43
N GLN A 107 -7.74 -11.33 -24.00
CA GLN A 107 -9.01 -10.74 -24.40
C GLN A 107 -10.15 -11.31 -23.58
N HIS A 108 -11.35 -10.75 -23.74
CA HIS A 108 -12.52 -11.19 -22.94
C HIS A 108 -12.89 -12.64 -23.22
N ASN A 109 -12.42 -13.09 -24.38
CA ASN A 109 -12.83 -14.37 -24.92
C ASN A 109 -11.68 -15.35 -24.94
N SER A 110 -10.57 -14.95 -24.33
CA SER A 110 -9.47 -15.88 -24.08
C SER A 110 -9.97 -16.94 -23.10
N THR A 111 -9.43 -18.16 -23.18
CA THR A 111 -9.83 -19.22 -22.25
C THR A 111 -8.77 -19.52 -21.19
N THR A 112 -9.26 -19.88 -20.03
CA THR A 112 -8.44 -20.41 -18.96
C THR A 112 -7.38 -21.46 -19.36
N ASP A 113 -7.60 -22.28 -20.38
CA ASP A 113 -6.55 -23.14 -20.97
C ASP A 113 -5.38 -22.37 -21.62
N GLN A 114 -5.70 -21.40 -22.47
CA GLN A 114 -4.67 -20.64 -23.14
C GLN A 114 -3.90 -19.91 -22.07
N LEU A 115 -4.65 -19.30 -21.17
CA LEU A 115 -4.03 -18.50 -20.14
C LEU A 115 -2.89 -19.29 -19.45
N MET A 116 -3.21 -20.53 -18.99
CA MET A 116 -2.22 -21.39 -18.33
C MET A 116 -0.98 -21.62 -19.18
N GLU A 117 -1.15 -21.71 -20.49
CA GLU A 117 -0.05 -22.01 -21.36
C GLU A 117 0.80 -20.77 -21.51
N ILE A 118 0.16 -19.61 -21.65
CA ILE A 118 0.89 -18.32 -21.64
C ILE A 118 1.72 -18.13 -20.35
N MET A 119 1.10 -18.40 -19.19
CA MET A 119 1.75 -18.22 -17.88
C MET A 119 2.91 -19.21 -17.71
N THR A 120 2.69 -20.48 -18.06
CA THR A 120 3.76 -21.43 -18.02
C THR A 120 4.91 -21.04 -18.96
N GLY A 121 4.63 -20.86 -20.26
CA GLY A 121 5.68 -20.64 -21.26
C GLY A 121 6.48 -19.37 -21.09
N GLY A 122 5.77 -18.25 -20.89
CA GLY A 122 6.41 -16.95 -20.61
C GLY A 122 7.06 -16.82 -19.23
N ARG A 123 6.65 -17.66 -18.27
CA ARG A 123 7.14 -17.67 -16.85
C ARG A 123 6.80 -16.37 -16.10
N PHE A 124 5.55 -15.96 -16.25
CA PHE A 124 5.01 -14.93 -15.37
C PHE A 124 3.58 -15.35 -15.00
N ARG A 125 2.97 -14.61 -14.05
CA ARG A 125 1.77 -15.02 -13.32
C ARG A 125 0.60 -14.03 -13.39
N HIS A 126 0.79 -12.97 -14.19
CA HIS A 126 -0.16 -11.87 -14.28
C HIS A 126 -0.38 -11.60 -15.75
N VAL A 127 -1.66 -11.55 -16.13
CA VAL A 127 -1.99 -11.12 -17.51
C VAL A 127 -3.12 -10.08 -17.54
N PRO A 128 -2.76 -8.83 -17.96
CA PRO A 128 -3.65 -7.67 -18.12
C PRO A 128 -4.65 -7.99 -19.22
N VAL A 129 -5.91 -7.64 -19.00
CA VAL A 129 -6.97 -7.82 -20.05
C VAL A 129 -7.23 -6.55 -20.92
N GLU A 130 -7.20 -6.75 -22.23
CA GLU A 130 -7.44 -5.68 -23.23
C GLU A 130 -8.71 -5.89 -24.08
N GLU A 131 -9.36 -4.79 -24.45
CA GLU A 131 -10.46 -4.80 -25.39
C GLU A 131 -10.66 -3.40 -25.91
N ASN A 132 -10.58 -3.26 -27.23
CA ASN A 132 -10.68 -1.97 -27.88
C ASN A 132 -9.49 -1.11 -27.52
N GLY A 133 -8.32 -1.73 -27.37
CA GLY A 133 -7.10 -1.00 -27.01
C GLY A 133 -7.09 -0.45 -25.58
N ARG A 134 -8.10 -0.83 -24.82
CA ARG A 134 -8.33 -0.33 -23.50
C ARG A 134 -7.84 -1.37 -22.47
N LEU A 135 -7.36 -0.90 -21.33
CA LEU A 135 -7.16 -1.75 -20.16
C LEU A 135 -8.48 -2.00 -19.39
N ALA A 136 -8.84 -3.28 -19.21
CA ALA A 136 -10.20 -3.65 -18.73
C ALA A 136 -10.19 -4.67 -17.61
N GLY A 137 -9.02 -5.07 -17.14
CA GLY A 137 -8.98 -5.85 -15.93
C GLY A 137 -7.68 -6.59 -15.86
N ILE A 138 -7.54 -7.47 -14.87
CA ILE A 138 -6.30 -8.23 -14.71
C ILE A 138 -6.64 -9.59 -14.18
N ILE A 139 -6.02 -10.61 -14.78
CA ILE A 139 -6.15 -12.03 -14.37
C ILE A 139 -4.82 -12.54 -13.79
N SER A 140 -4.89 -13.19 -12.63
CA SER A 140 -3.73 -13.78 -12.02
C SER A 140 -3.81 -15.32 -11.91
N ILE A 141 -2.63 -15.97 -11.87
CA ILE A 141 -2.57 -17.44 -11.69
C ILE A 141 -3.52 -17.99 -10.57
N GLY A 142 -3.79 -17.24 -9.52
CA GLY A 142 -4.59 -17.72 -8.39
C GLY A 142 -6.07 -17.68 -8.77
N ASP A 143 -6.45 -16.73 -9.64
CA ASP A 143 -7.80 -16.69 -10.26
C ASP A 143 -8.07 -17.98 -11.12
N VAL A 144 -7.19 -18.18 -12.10
CA VAL A 144 -7.15 -19.35 -12.94
C VAL A 144 -7.33 -20.61 -12.09
N VAL A 145 -6.49 -20.77 -11.05
CA VAL A 145 -6.54 -21.98 -10.22
C VAL A 145 -7.89 -22.16 -9.46
N LYS A 146 -8.32 -21.13 -8.73
CA LYS A 146 -9.61 -21.15 -8.07
C LYS A 146 -10.75 -21.54 -9.05
N ALA A 147 -10.72 -21.00 -10.27
CA ALA A 147 -11.71 -21.32 -11.29
C ALA A 147 -11.76 -22.84 -11.63
N ARG A 148 -10.61 -23.48 -11.65
CA ARG A 148 -10.56 -24.87 -12.01
C ARG A 148 -10.95 -25.71 -10.78
N ILE A 149 -11.29 -25.10 -9.64
CA ILE A 149 -12.03 -25.91 -8.68
C ILE A 149 -13.50 -25.49 -8.44
N GLY A 150 -13.76 -24.28 -7.87
CA GLY A 150 -15.10 -23.77 -7.28
C GLY A 150 -16.49 -24.27 -7.82
N GLU A 151 -16.56 -25.58 -8.24
CA GLU A 151 -17.71 -26.19 -9.00
C GLU A 151 -17.36 -26.30 -10.50
N THR B 24 -7.57 -2.81 20.91
CA THR B 24 -6.77 -3.33 19.77
C THR B 24 -7.56 -3.71 18.50
N PHE B 25 -8.89 -3.87 18.55
CA PHE B 25 -9.64 -4.29 17.31
C PHE B 25 -10.40 -3.16 16.73
N VAL B 26 -10.74 -3.26 15.46
CA VAL B 26 -11.55 -2.23 14.81
C VAL B 26 -12.96 -2.13 15.46
N LYS B 27 -13.56 -3.27 15.76
CA LYS B 27 -14.83 -3.28 16.50
C LYS B 27 -14.80 -2.46 17.82
N ASP B 28 -13.68 -2.49 18.56
CA ASP B 28 -13.64 -1.74 19.83
C ASP B 28 -13.43 -0.22 19.60
N LEU B 29 -12.76 0.15 18.50
CA LEU B 29 -12.69 1.55 18.08
C LEU B 29 -14.07 2.12 17.75
N LEU B 30 -14.89 1.35 17.04
CA LEU B 30 -16.20 1.80 16.60
C LEU B 30 -17.13 1.98 17.76
N ASP B 31 -17.05 1.08 18.73
CA ASP B 31 -17.85 1.18 19.95
C ASP B 31 -17.62 2.48 20.71
N ARG B 32 -16.40 3.01 20.66
CA ARG B 32 -16.10 4.23 21.36
C ARG B 32 -16.46 5.47 20.55
N LYS B 33 -16.10 5.48 19.27
CA LYS B 33 -16.28 6.67 18.43
C LYS B 33 -17.61 6.74 17.64
N GLY B 34 -18.12 5.60 17.13
CA GLY B 34 -19.37 5.59 16.40
C GLY B 34 -19.29 4.88 15.06
N ARG B 35 -20.45 4.44 14.57
CA ARG B 35 -20.61 3.59 13.36
C ARG B 35 -20.93 4.37 12.08
N ASP B 36 -21.39 5.62 12.26
CA ASP B 36 -21.93 6.45 11.18
C ASP B 36 -20.81 6.83 10.21
N VAL B 37 -21.14 6.88 8.93
CA VAL B 37 -20.23 7.40 7.88
C VAL B 37 -20.84 8.61 7.14
N VAL B 38 -20.09 9.69 6.99
CA VAL B 38 -20.51 10.82 6.13
C VAL B 38 -20.13 10.61 4.65
N THR B 39 -21.13 10.69 3.78
CA THR B 39 -20.95 10.42 2.36
C THR B 39 -21.47 11.50 1.44
N VAL B 40 -20.95 11.48 0.20
CA VAL B 40 -21.50 12.34 -0.88
C VAL B 40 -21.76 11.59 -2.21
N GLY B 41 -22.72 12.04 -3.00
CA GLY B 41 -22.95 11.48 -4.32
C GLY B 41 -21.87 11.88 -5.32
N PRO B 42 -21.80 11.20 -6.49
CA PRO B 42 -20.69 11.48 -7.41
C PRO B 42 -20.82 12.73 -8.26
N ASP B 43 -21.98 13.39 -8.30
CA ASP B 43 -22.14 14.53 -9.19
C ASP B 43 -21.94 15.87 -8.47
N VAL B 44 -21.98 15.80 -7.14
CA VAL B 44 -21.46 16.82 -6.24
C VAL B 44 -20.11 17.35 -6.77
N SER B 45 -19.93 18.67 -6.76
CA SER B 45 -18.70 19.22 -7.28
C SER B 45 -17.65 19.19 -6.18
N ILE B 46 -16.40 19.27 -6.62
CA ILE B 46 -15.25 19.36 -5.72
C ILE B 46 -15.39 20.52 -4.72
N GLY B 47 -15.79 21.70 -5.19
CA GLY B 47 -16.05 22.82 -4.30
C GLY B 47 -17.04 22.53 -3.17
N GLU B 48 -18.02 21.67 -3.44
CA GLU B 48 -19.09 21.33 -2.47
C GLU B 48 -18.69 20.18 -1.58
N ALA B 49 -17.96 19.23 -2.14
CA ALA B 49 -17.31 18.23 -1.29
C ALA B 49 -16.46 18.89 -0.18
N ALA B 50 -15.69 19.91 -0.53
CA ALA B 50 -14.88 20.66 0.43
C ALA B 50 -15.73 21.37 1.52
N GLY B 51 -16.91 21.88 1.14
CA GLY B 51 -17.85 22.47 2.11
C GLY B 51 -18.29 21.42 3.10
N THR B 52 -18.48 20.19 2.62
CA THR B 52 -18.97 19.07 3.42
C THR B 52 -17.94 18.69 4.49
N LEU B 53 -16.68 18.58 4.06
CA LEU B 53 -15.50 18.41 4.91
C LEU B 53 -15.51 19.44 6.03
N HIS B 54 -15.82 20.70 5.70
CA HIS B 54 -15.69 21.73 6.75
C HIS B 54 -16.79 21.73 7.79
N ALA B 55 -18.04 21.58 7.37
CA ALA B 55 -19.14 21.53 8.33
C ALA B 55 -19.09 20.31 9.26
N HIS B 56 -18.65 19.15 8.79
CA HIS B 56 -18.59 17.97 9.70
C HIS B 56 -17.27 17.87 10.48
N LYS B 57 -16.38 18.82 10.18
CA LYS B 57 -15.00 18.83 10.64
C LYS B 57 -14.24 17.50 10.50
N ILE B 58 -14.17 16.98 9.27
CA ILE B 58 -13.47 15.72 9.00
C ILE B 58 -12.59 15.89 7.75
N GLY B 59 -11.69 14.91 7.48
CA GLY B 59 -10.74 15.02 6.38
C GLY B 59 -11.05 14.22 5.15
N ALA B 60 -12.09 13.38 5.22
CA ALA B 60 -12.47 12.48 4.13
C ALA B 60 -13.96 12.27 4.07
N VAL B 61 -14.41 11.78 2.91
CA VAL B 61 -15.80 11.70 2.57
C VAL B 61 -15.89 10.52 1.57
N VAL B 62 -16.78 9.57 1.86
CA VAL B 62 -16.93 8.40 1.02
C VAL B 62 -17.91 8.68 -0.12
N VAL B 63 -17.52 8.41 -1.38
CA VAL B 63 -18.35 8.66 -2.56
C VAL B 63 -19.19 7.41 -2.89
N THR B 64 -20.51 7.47 -2.70
CA THR B 64 -21.42 6.38 -3.12
C THR B 64 -22.48 6.74 -4.16
N ASP B 65 -23.01 5.71 -4.81
CA ASP B 65 -24.09 5.85 -5.82
C ASP B 65 -25.53 5.81 -5.24
N ALA B 66 -26.51 6.07 -6.10
CA ALA B 66 -27.93 6.04 -5.72
C ALA B 66 -28.22 4.80 -4.87
N ASP B 67 -27.51 3.72 -5.21
CA ASP B 67 -27.81 2.36 -4.73
C ASP B 67 -27.14 1.97 -3.45
N GLY B 68 -26.10 2.70 -3.08
CA GLY B 68 -25.39 2.42 -1.85
C GLY B 68 -23.95 1.97 -2.06
N VAL B 69 -23.56 1.69 -3.30
CA VAL B 69 -22.20 1.14 -3.49
C VAL B 69 -21.12 2.20 -3.39
N VAL B 70 -19.97 1.78 -2.84
CA VAL B 70 -18.80 2.65 -2.71
C VAL B 70 -18.12 2.82 -4.05
N LEU B 71 -18.08 4.05 -4.52
CA LEU B 71 -17.51 4.34 -5.81
C LEU B 71 -16.06 4.83 -5.64
N GLY B 72 -15.80 5.52 -4.52
CA GLY B 72 -14.49 6.06 -4.23
C GLY B 72 -14.35 6.80 -2.90
N ILE B 73 -13.16 7.32 -2.66
CA ILE B 73 -12.88 8.17 -1.48
C ILE B 73 -12.21 9.49 -1.91
N PHE B 74 -12.63 10.58 -1.30
CA PHE B 74 -12.04 11.89 -1.66
C PHE B 74 -11.69 12.62 -0.38
N THR B 75 -10.41 13.02 -0.27
CA THR B 75 -9.90 13.68 0.94
C THR B 75 -9.28 15.06 0.67
N GLU B 76 -8.87 15.72 1.74
CA GLU B 76 -8.17 16.98 1.64
C GLU B 76 -6.89 16.87 0.79
N ARG B 77 -6.31 15.68 0.71
CA ARG B 77 -5.15 15.50 -0.19
C ARG B 77 -5.51 15.60 -1.68
N ASP B 78 -6.60 14.94 -2.08
CA ASP B 78 -7.20 15.13 -3.40
C ASP B 78 -7.54 16.61 -3.76
N LEU B 79 -8.07 17.37 -2.81
CA LEU B 79 -8.27 18.84 -2.99
C LEU B 79 -7.00 19.58 -3.48
N VAL B 80 -5.93 19.53 -2.65
CA VAL B 80 -4.57 20.03 -3.02
C VAL B 80 -4.15 19.68 -4.47
N LYS B 81 -4.20 18.37 -4.78
CA LYS B 81 -3.78 17.85 -6.09
C LYS B 81 -4.52 18.58 -7.21
N ALA B 82 -5.85 18.67 -7.03
CA ALA B 82 -6.71 19.32 -8.02
C ALA B 82 -6.38 20.80 -8.24
N VAL B 83 -6.22 21.58 -7.15
CA VAL B 83 -6.04 22.99 -7.34
C VAL B 83 -4.65 23.25 -7.85
N ALA B 84 -3.74 22.35 -7.49
CA ALA B 84 -2.36 22.44 -7.94
C ALA B 84 -2.30 22.36 -9.46
N GLY B 85 -3.05 21.40 -10.01
CA GLY B 85 -3.06 21.13 -11.45
C GLY B 85 -3.97 22.01 -12.29
N GLN B 86 -5.15 22.34 -11.77
CA GLN B 86 -6.14 23.04 -12.59
C GLN B 86 -6.72 24.35 -12.00
N GLY B 87 -6.16 24.86 -10.91
CA GLY B 87 -6.58 26.15 -10.33
C GLY B 87 -8.07 26.23 -10.03
N ALA B 88 -8.61 27.45 -10.12
CA ALA B 88 -10.00 27.72 -9.78
C ALA B 88 -11.06 26.90 -10.54
N ALA B 89 -10.74 26.47 -11.75
CA ALA B 89 -11.68 25.71 -12.56
C ALA B 89 -12.01 24.34 -11.91
N SER B 90 -11.09 23.83 -11.12
CA SER B 90 -11.25 22.53 -10.58
C SER B 90 -12.37 22.47 -9.53
N LEU B 91 -12.74 23.60 -8.96
CA LEU B 91 -13.86 23.66 -8.00
C LEU B 91 -15.21 23.29 -8.60
N GLN B 92 -15.30 23.43 -9.92
CA GLN B 92 -16.54 23.22 -10.63
C GLN B 92 -16.64 21.80 -11.13
N GLN B 93 -15.49 21.15 -11.30
CA GLN B 93 -15.38 19.74 -11.73
C GLN B 93 -16.04 18.76 -10.72
N SER B 94 -16.53 17.66 -11.23
CA SER B 94 -17.18 16.66 -10.37
C SER B 94 -16.19 15.87 -9.52
N VAL B 95 -16.60 15.59 -8.27
CA VAL B 95 -15.75 14.86 -7.31
C VAL B 95 -15.19 13.52 -7.85
N SER B 96 -15.87 13.00 -8.88
CA SER B 96 -15.50 11.75 -9.52
C SER B 96 -14.20 11.81 -10.33
N VAL B 97 -13.79 12.98 -10.79
CA VAL B 97 -12.54 13.03 -11.57
C VAL B 97 -11.30 13.10 -10.68
N ALA B 98 -11.47 13.39 -9.39
CA ALA B 98 -10.31 13.56 -8.48
C ALA B 98 -10.19 12.50 -7.39
N MET B 99 -11.27 11.72 -7.22
CA MET B 99 -11.38 10.76 -6.14
C MET B 99 -10.56 9.51 -6.45
N THR B 100 -10.17 8.77 -5.41
CA THR B 100 -9.52 7.48 -5.61
C THR B 100 -10.58 6.39 -5.74
N LYS B 101 -10.55 5.67 -6.86
CA LYS B 101 -11.59 4.68 -7.18
C LYS B 101 -11.30 3.35 -6.47
N ASN B 102 -10.01 3.02 -6.31
CA ASN B 102 -9.55 1.73 -5.76
C ASN B 102 -9.33 1.82 -4.27
N VAL B 103 -10.36 1.49 -3.48
CA VAL B 103 -10.38 1.84 -2.06
C VAL B 103 -10.06 0.64 -1.17
N VAL B 104 -9.00 0.69 -0.37
CA VAL B 104 -8.73 -0.43 0.51
C VAL B 104 -9.50 -0.44 1.80
N ARG B 105 -9.76 -1.63 2.33
CA ARG B 105 -10.69 -1.74 3.48
C ARG B 105 -10.14 -2.55 4.66
N CYS B 106 -10.78 -2.40 5.81
CA CYS B 106 -10.54 -3.29 6.94
C CYS B 106 -11.82 -4.01 7.48
N GLN B 107 -11.65 -4.88 8.45
CA GLN B 107 -12.73 -5.74 8.95
C GLN B 107 -12.92 -5.46 10.45
N HIS B 108 -14.02 -5.92 11.03
CA HIS B 108 -14.24 -5.76 12.48
C HIS B 108 -13.09 -6.27 13.34
N ASN B 109 -12.45 -7.34 12.85
CA ASN B 109 -11.41 -8.07 13.56
C ASN B 109 -9.99 -7.70 13.12
N SER B 110 -9.88 -6.73 12.22
CA SER B 110 -8.57 -6.16 11.95
C SER B 110 -8.01 -5.54 13.22
N THR B 111 -6.71 -5.57 13.35
CA THR B 111 -6.07 -4.90 14.47
C THR B 111 -5.43 -3.55 14.10
N THR B 112 -5.44 -2.69 15.10
CA THR B 112 -4.55 -1.58 15.27
C THR B 112 -3.07 -1.67 14.77
N ASP B 113 -2.36 -2.80 14.90
CA ASP B 113 -1.08 -2.94 14.22
C ASP B 113 -1.22 -3.07 12.73
N GLN B 114 -2.19 -3.83 12.24
CA GLN B 114 -2.26 -4.06 10.80
C GLN B 114 -2.62 -2.71 10.18
N LEU B 115 -3.59 -2.05 10.80
CA LEU B 115 -4.00 -0.76 10.28
C LEU B 115 -2.81 0.25 10.12
N MET B 116 -1.90 0.28 11.08
CA MET B 116 -0.71 1.11 11.01
C MET B 116 0.21 0.77 9.84
N GLU B 117 0.31 -0.51 9.49
CA GLU B 117 1.24 -0.92 8.46
C GLU B 117 0.60 -0.50 7.13
N ILE B 118 -0.72 -0.72 7.05
CA ILE B 118 -1.52 -0.46 5.87
C ILE B 118 -1.46 1.05 5.59
N MET B 119 -1.78 1.87 6.59
CA MET B 119 -1.63 3.32 6.45
C MET B 119 -0.21 3.76 6.01
N THR B 120 0.85 3.28 6.70
CA THR B 120 2.26 3.61 6.38
C THR B 120 2.65 3.24 4.96
N GLY B 121 2.41 1.98 4.55
CA GLY B 121 2.80 1.51 3.21
C GLY B 121 2.03 2.14 2.04
N GLY B 122 0.70 2.20 2.22
CA GLY B 122 -0.23 2.71 1.23
C GLY B 122 -0.10 4.21 1.06
N ARG B 123 0.17 4.91 2.16
CA ARG B 123 0.38 6.36 2.17
C ARG B 123 -0.96 7.07 2.12
N PHE B 124 -1.84 6.60 2.99
CA PHE B 124 -3.17 7.18 3.17
C PHE B 124 -3.56 6.99 4.62
N ARG B 125 -4.69 7.56 5.03
CA ARG B 125 -4.96 7.90 6.41
C ARG B 125 -6.37 7.55 6.86
N HIS B 126 -7.13 7.01 5.93
CA HIS B 126 -8.51 6.65 6.17
C HIS B 126 -8.72 5.26 5.65
N VAL B 127 -9.26 4.42 6.51
CA VAL B 127 -9.76 3.14 5.98
C VAL B 127 -11.22 2.81 6.37
N PRO B 128 -12.11 2.79 5.36
CA PRO B 128 -13.51 2.37 5.54
C PRO B 128 -13.69 0.90 5.92
N VAL B 129 -14.63 0.63 6.82
CA VAL B 129 -14.85 -0.70 7.39
C VAL B 129 -15.88 -1.49 6.56
N GLU B 130 -15.57 -2.74 6.23
CA GLU B 130 -16.60 -3.62 5.63
C GLU B 130 -17.01 -4.85 6.44
N GLU B 131 -18.34 -4.98 6.51
CA GLU B 131 -19.07 -6.14 7.06
C GLU B 131 -20.21 -6.57 6.11
N ASN B 132 -20.09 -7.81 5.64
CA ASN B 132 -21.07 -8.46 4.78
C ASN B 132 -21.22 -7.70 3.51
N GLY B 133 -20.06 -7.44 2.89
CA GLY B 133 -20.01 -6.65 1.69
C GLY B 133 -20.60 -5.27 1.88
N ARG B 134 -20.90 -4.88 3.12
CA ARG B 134 -21.47 -3.54 3.37
C ARG B 134 -20.49 -2.61 4.04
N LEU B 135 -20.72 -1.31 3.81
CA LEU B 135 -20.01 -0.25 4.49
C LEU B 135 -20.50 -0.13 5.94
N ALA B 136 -19.60 -0.19 6.92
CA ALA B 136 -20.02 -0.27 8.32
C ALA B 136 -19.27 0.66 9.26
N GLY B 137 -18.58 1.65 8.71
CA GLY B 137 -17.88 2.63 9.53
C GLY B 137 -16.63 3.15 8.87
N ILE B 138 -15.89 4.00 9.57
CA ILE B 138 -14.58 4.45 9.04
C ILE B 138 -13.56 4.59 10.20
N ILE B 139 -12.30 4.20 9.96
CA ILE B 139 -11.21 4.43 10.91
C ILE B 139 -10.16 5.37 10.31
N SER B 140 -9.75 6.38 11.09
CA SER B 140 -8.68 7.32 10.67
C SER B 140 -7.44 7.16 11.52
N ILE B 141 -6.31 7.65 11.01
CA ILE B 141 -5.05 7.56 11.71
C ILE B 141 -5.11 8.19 13.14
N GLY B 142 -5.99 9.15 13.34
CA GLY B 142 -6.09 9.83 14.62
C GLY B 142 -6.80 8.95 15.64
N ASP B 143 -7.70 8.08 15.18
CA ASP B 143 -8.37 7.09 16.03
C ASP B 143 -7.34 6.13 16.51
N VAL B 144 -6.56 5.64 15.55
CA VAL B 144 -5.56 4.66 15.84
C VAL B 144 -4.55 5.21 16.83
N VAL B 145 -3.98 6.41 16.57
CA VAL B 145 -3.16 7.10 17.59
C VAL B 145 -3.84 7.23 18.97
N LYS B 146 -5.04 7.84 19.07
CA LYS B 146 -5.71 7.99 20.36
C LYS B 146 -5.83 6.67 21.10
N ALA B 147 -6.17 5.61 20.40
CA ALA B 147 -6.27 4.28 21.02
C ALA B 147 -4.98 3.83 21.67
N ARG B 148 -3.82 4.11 21.06
CA ARG B 148 -2.57 3.68 21.69
C ARG B 148 -2.12 4.55 22.84
N ILE B 149 -2.84 5.62 23.21
CA ILE B 149 -2.40 6.33 24.42
C ILE B 149 -3.38 6.20 25.55
N ASN C 16 8.03 6.74 32.39
CA ASN C 16 8.37 6.96 30.96
C ASN C 16 9.79 6.45 30.63
N LEU C 17 10.03 5.15 30.62
CA LEU C 17 11.41 4.66 30.45
C LEU C 17 11.72 3.91 29.17
N TYR C 18 12.86 4.22 28.53
CA TYR C 18 13.19 3.73 27.18
C TYR C 18 14.54 3.07 26.95
N PHE C 19 14.63 2.24 25.91
CA PHE C 19 15.89 1.54 25.56
C PHE C 19 16.63 2.30 24.46
N GLN C 20 17.95 2.13 24.43
CA GLN C 20 18.80 2.80 23.44
C GLN C 20 18.68 2.08 22.11
N GLY C 21 18.64 2.86 21.02
CA GLY C 21 18.75 2.33 19.66
C GLY C 21 17.41 2.02 19.02
N MET C 22 16.32 2.27 19.75
CA MET C 22 14.95 2.08 19.21
C MET C 22 14.62 3.48 18.79
N ALA C 23 13.39 3.75 18.38
CA ALA C 23 13.16 5.10 17.87
C ALA C 23 12.20 5.93 18.73
N THR C 24 12.63 6.36 19.93
CA THR C 24 11.72 7.03 20.86
C THR C 24 11.85 8.56 20.98
N PHE C 25 12.95 9.14 20.49
CA PHE C 25 13.13 10.59 20.66
C PHE C 25 13.08 11.30 19.35
N VAL C 26 12.78 12.59 19.41
CA VAL C 26 12.63 13.41 18.22
C VAL C 26 13.95 13.40 17.43
N LYS C 27 15.07 13.52 18.14
CA LYS C 27 16.40 13.39 17.54
C LYS C 27 16.58 12.13 16.65
N ASP C 28 16.12 10.96 17.13
CA ASP C 28 16.17 9.72 16.36
C ASP C 28 15.36 9.75 15.05
N LEU C 29 14.20 10.40 15.04
CA LEU C 29 13.46 10.40 13.80
C LEU C 29 14.07 11.30 12.77
N LEU C 30 14.64 12.41 13.24
CA LEU C 30 15.35 13.37 12.36
C LEU C 30 16.53 12.72 11.67
N ASP C 31 17.25 11.89 12.39
CA ASP C 31 18.35 11.15 11.80
C ASP C 31 17.97 10.14 10.74
N ARG C 32 16.77 9.60 10.79
CA ARG C 32 16.34 8.67 9.79
C ARG C 32 15.68 9.39 8.62
N LYS C 33 14.91 10.44 8.87
CA LYS C 33 14.17 10.98 7.72
C LYS C 33 14.82 12.26 7.12
N GLY C 34 15.37 13.16 7.96
CA GLY C 34 16.02 14.37 7.48
C GLY C 34 15.68 15.61 8.26
N ARG C 35 16.58 16.58 8.19
CA ARG C 35 16.66 17.80 9.00
C ARG C 35 16.00 18.99 8.27
N ASP C 36 15.78 18.82 6.96
CA ASP C 36 15.28 19.86 6.06
C ASP C 36 13.82 20.30 6.34
N VAL C 37 13.54 21.59 6.12
CA VAL C 37 12.18 22.08 6.22
C VAL C 37 11.76 22.86 4.96
N VAL C 38 10.59 22.55 4.42
CA VAL C 38 10.06 23.32 3.30
C VAL C 38 9.15 24.50 3.70
N THR C 39 9.59 25.69 3.29
CA THR C 39 8.90 26.91 3.70
C THR C 39 8.40 27.76 2.53
N VAL C 40 7.37 28.53 2.81
CA VAL C 40 7.00 29.68 1.90
C VAL C 40 7.06 31.04 2.60
N GLY C 41 7.23 32.10 1.79
CA GLY C 41 7.07 33.48 2.25
C GLY C 41 5.60 33.83 2.44
N PRO C 42 5.33 34.90 3.19
CA PRO C 42 3.97 35.32 3.56
C PRO C 42 3.08 35.93 2.43
N ASP C 43 3.71 36.45 1.37
CA ASP C 43 3.03 37.16 0.28
C ASP C 43 2.53 36.26 -0.83
N VAL C 44 3.16 35.10 -0.94
CA VAL C 44 2.67 33.97 -1.76
C VAL C 44 1.16 33.72 -1.53
N SER C 45 0.46 33.39 -2.61
CA SER C 45 -0.99 33.17 -2.53
C SER C 45 -1.35 31.76 -2.10
N ILE C 46 -2.55 31.62 -1.53
CA ILE C 46 -3.03 30.31 -1.12
C ILE C 46 -2.96 29.33 -2.30
N GLY C 47 -3.37 29.75 -3.49
CA GLY C 47 -3.24 28.90 -4.69
C GLY C 47 -1.83 28.38 -4.96
N GLU C 48 -0.82 29.23 -4.68
CA GLU C 48 0.59 28.91 -4.90
C GLU C 48 1.14 28.05 -3.78
N ALA C 49 0.76 28.35 -2.54
CA ALA C 49 1.05 27.46 -1.42
C ALA C 49 0.65 26.01 -1.75
N ALA C 50 -0.59 25.83 -2.19
CA ALA C 50 -1.09 24.52 -2.63
C ALA C 50 -0.23 23.84 -3.70
N GLY C 51 0.29 24.59 -4.67
CA GLY C 51 1.21 24.07 -5.71
C GLY C 51 2.52 23.56 -5.10
N THR C 52 3.00 24.21 -4.05
CA THR C 52 4.22 23.79 -3.33
C THR C 52 4.00 22.48 -2.50
N LEU C 53 2.90 22.39 -1.74
CA LEU C 53 2.51 21.11 -1.14
C LEU C 53 2.48 19.97 -2.20
N HIS C 54 2.04 20.26 -3.41
CA HIS C 54 1.95 19.15 -4.35
C HIS C 54 3.32 18.71 -4.90
N ALA C 55 4.13 19.65 -5.37
CA ALA C 55 5.43 19.26 -5.95
C ALA C 55 6.34 18.52 -4.94
N HIS C 56 6.34 18.93 -3.68
CA HIS C 56 7.13 18.25 -2.62
C HIS C 56 6.46 17.02 -1.94
N LYS C 57 5.19 16.77 -2.31
CA LYS C 57 4.33 15.74 -1.75
C LYS C 57 4.29 15.77 -0.25
N ILE C 58 3.96 16.92 0.33
CA ILE C 58 3.78 17.07 1.79
C ILE C 58 2.44 17.70 2.11
N GLY C 59 2.04 17.72 3.37
CA GLY C 59 0.75 18.32 3.75
C GLY C 59 0.82 19.71 4.41
N ALA C 60 2.05 20.19 4.62
CA ALA C 60 2.25 21.40 5.38
C ALA C 60 3.50 22.09 5.00
N VAL C 61 3.49 23.38 5.32
CA VAL C 61 4.44 24.32 4.85
C VAL C 61 4.54 25.46 5.86
N VAL C 62 5.77 25.66 6.34
CA VAL C 62 6.06 26.67 7.35
C VAL C 62 6.27 28.09 6.70
N VAL C 63 5.54 29.07 7.25
CA VAL C 63 5.56 30.39 6.72
C VAL C 63 6.57 31.27 7.45
N THR C 64 7.61 31.69 6.72
CA THR C 64 8.69 32.48 7.31
C THR C 64 8.85 33.84 6.62
N ASP C 65 9.39 34.82 7.33
CA ASP C 65 9.67 36.16 6.70
C ASP C 65 11.11 36.31 6.14
N ALA C 66 11.40 37.47 5.59
CA ALA C 66 12.68 37.72 4.93
C ALA C 66 13.86 37.48 5.87
N ASP C 67 13.60 37.54 7.19
CA ASP C 67 14.65 37.51 8.21
C ASP C 67 14.79 36.12 8.88
N GLY C 68 13.83 35.23 8.60
CA GLY C 68 13.88 33.87 9.10
C GLY C 68 12.89 33.54 10.20
N VAL C 69 12.15 34.55 10.65
CA VAL C 69 11.16 34.42 11.73
C VAL C 69 10.00 33.53 11.31
N VAL C 70 9.59 32.59 12.15
CA VAL C 70 8.46 31.77 11.82
C VAL C 70 7.22 32.58 12.14
N LEU C 71 6.39 32.70 11.10
CA LEU C 71 5.20 33.51 11.13
C LEU C 71 3.94 32.67 11.37
N GLY C 72 3.94 31.42 10.88
CA GLY C 72 2.85 30.49 11.06
C GLY C 72 3.03 29.21 10.26
N ILE C 73 1.98 28.39 10.31
CA ILE C 73 1.93 27.12 9.62
C ILE C 73 0.63 27.06 8.75
N PHE C 74 0.76 26.58 7.52
CA PHE C 74 -0.37 26.43 6.61
C PHE C 74 -0.46 24.95 6.15
N THR C 75 -1.64 24.31 6.27
CA THR C 75 -1.76 22.90 5.84
C THR C 75 -2.87 22.70 4.83
N GLU C 76 -2.98 21.48 4.33
CA GLU C 76 -4.11 21.05 3.52
C GLU C 76 -5.41 21.35 4.26
N ARG C 77 -5.43 21.28 5.59
CA ARG C 77 -6.71 21.52 6.30
C ARG C 77 -7.12 22.99 6.27
N ASP C 78 -6.14 23.91 6.33
CA ASP C 78 -6.42 25.33 6.10
C ASP C 78 -6.93 25.65 4.65
N LEU C 79 -6.37 24.95 3.64
CA LEU C 79 -6.92 24.98 2.27
C LEU C 79 -8.45 24.64 2.23
N VAL C 80 -8.88 23.50 2.80
CA VAL C 80 -10.32 23.18 2.95
C VAL C 80 -11.17 24.32 3.52
N LYS C 81 -10.80 24.86 4.68
CA LYS C 81 -11.61 25.88 5.38
C LYS C 81 -11.75 27.15 4.58
N ALA C 82 -10.65 27.51 3.90
CA ALA C 82 -10.60 28.61 2.96
C ALA C 82 -11.56 28.44 1.77
N VAL C 83 -11.54 27.30 1.06
CA VAL C 83 -12.48 27.19 -0.06
C VAL C 83 -13.92 26.99 0.40
N ALA C 84 -14.09 26.34 1.54
CA ALA C 84 -15.39 26.20 2.17
C ALA C 84 -16.07 27.57 2.33
N GLY C 85 -15.39 28.51 3.00
CA GLY C 85 -15.94 29.85 3.27
C GLY C 85 -16.01 30.84 2.10
N GLN C 86 -14.96 30.87 1.27
CA GLN C 86 -14.76 31.93 0.26
C GLN C 86 -14.58 31.48 -1.20
N GLY C 87 -14.73 30.19 -1.47
CA GLY C 87 -14.72 29.68 -2.83
C GLY C 87 -13.51 30.10 -3.63
N ALA C 88 -13.70 30.23 -4.94
CA ALA C 88 -12.61 30.53 -5.88
C ALA C 88 -11.75 31.80 -5.56
N ALA C 89 -12.36 32.81 -4.93
CA ALA C 89 -11.68 34.03 -4.49
C ALA C 89 -10.50 33.76 -3.57
N SER C 90 -10.61 32.68 -2.80
CA SER C 90 -9.67 32.37 -1.72
C SER C 90 -8.27 32.03 -2.22
N LEU C 91 -8.20 31.49 -3.44
CA LEU C 91 -6.92 31.17 -4.10
C LEU C 91 -6.04 32.38 -4.40
N GLN C 92 -6.68 33.56 -4.47
CA GLN C 92 -6.02 34.84 -4.71
C GLN C 92 -5.44 35.44 -3.44
N GLN C 93 -6.10 35.16 -2.32
CA GLN C 93 -5.71 35.64 -1.00
C GLN C 93 -4.36 35.14 -0.53
N SER C 94 -3.72 35.96 0.28
CA SER C 94 -2.38 35.65 0.71
C SER C 94 -2.47 34.55 1.78
N VAL C 95 -1.45 33.69 1.79
CA VAL C 95 -1.32 32.62 2.77
C VAL C 95 -1.50 33.04 4.25
N SER C 96 -1.22 34.31 4.52
CA SER C 96 -1.25 34.91 5.84
C SER C 96 -2.62 34.96 6.46
N VAL C 97 -3.64 34.96 5.61
CA VAL C 97 -4.99 35.18 6.11
C VAL C 97 -5.59 33.87 6.61
N ALA C 98 -4.98 32.75 6.19
CA ALA C 98 -5.52 31.40 6.49
C ALA C 98 -4.67 30.56 7.46
N MET C 99 -3.40 30.92 7.54
CA MET C 99 -2.44 30.18 8.31
C MET C 99 -2.70 30.37 9.78
N THR C 100 -2.31 29.38 10.57
CA THR C 100 -2.33 29.46 12.04
C THR C 100 -1.06 30.14 12.52
N LYS C 101 -1.21 31.30 13.20
CA LYS C 101 -0.10 32.12 13.71
C LYS C 101 0.57 31.64 15.02
N ASN C 102 -0.24 31.04 15.91
CA ASN C 102 0.18 30.44 17.16
C ASN C 102 0.73 29.03 17.01
N VAL C 103 2.03 28.88 16.75
CA VAL C 103 2.58 27.56 16.36
C VAL C 103 3.08 26.77 17.58
N VAL C 104 2.56 25.55 17.82
CA VAL C 104 3.14 24.71 18.92
C VAL C 104 4.30 23.82 18.45
N ARG C 105 5.31 23.64 19.32
CA ARG C 105 6.56 23.00 18.88
C ARG C 105 7.05 21.97 19.85
N CYS C 106 8.08 21.20 19.45
CA CYS C 106 8.75 20.23 20.30
C CYS C 106 10.30 20.37 20.23
N GLN C 107 11.05 19.58 21.03
CA GLN C 107 12.51 19.70 21.14
C GLN C 107 13.21 18.40 20.74
N HIS C 108 14.54 18.39 20.72
CA HIS C 108 15.28 17.19 20.26
C HIS C 108 15.07 15.99 21.15
N ASN C 109 14.69 16.28 22.38
CA ASN C 109 14.57 15.29 23.43
C ASN C 109 13.11 14.98 23.81
N SER C 110 12.19 15.58 23.09
CA SER C 110 10.78 15.22 23.18
C SER C 110 10.59 13.75 22.76
N THR C 111 9.68 13.03 23.40
CA THR C 111 9.43 11.64 23.02
C THR C 111 8.19 11.43 22.14
N THR C 112 8.29 10.38 21.34
CA THR C 112 7.18 9.74 20.63
C THR C 112 5.83 9.67 21.39
N ASP C 113 5.81 9.37 22.68
CA ASP C 113 4.59 9.43 23.45
C ASP C 113 4.05 10.82 23.67
N GLN C 114 4.91 11.75 24.09
CA GLN C 114 4.51 13.10 24.29
C GLN C 114 3.88 13.57 23.01
N LEU C 115 4.59 13.34 21.91
CA LEU C 115 4.21 13.82 20.60
C LEU C 115 2.79 13.41 20.19
N MET C 116 2.43 12.16 20.46
CA MET C 116 1.06 11.68 20.26
C MET C 116 -0.01 12.45 21.05
N GLU C 117 0.26 12.74 22.32
CA GLU C 117 -0.68 13.56 23.14
C GLU C 117 -0.84 14.92 22.59
N ILE C 118 0.27 15.56 22.21
CA ILE C 118 0.21 16.91 21.67
C ILE C 118 -0.74 16.91 20.46
N MET C 119 -0.49 15.97 19.54
CA MET C 119 -1.27 15.85 18.31
C MET C 119 -2.76 15.52 18.52
N THR C 120 -3.06 14.61 19.45
CA THR C 120 -4.46 14.26 19.76
C THR C 120 -5.20 15.43 20.45
N GLY C 121 -4.63 15.98 21.52
CA GLY C 121 -5.22 17.05 22.30
C GLY C 121 -5.39 18.31 21.50
N GLY C 122 -4.35 18.71 20.79
CA GLY C 122 -4.41 19.91 19.94
C GLY C 122 -5.16 19.81 18.62
N ARG C 123 -5.40 18.57 18.15
CA ARG C 123 -6.08 18.28 16.87
C ARG C 123 -5.35 18.86 15.65
N PHE C 124 -4.06 18.58 15.59
CA PHE C 124 -3.24 18.88 14.43
C PHE C 124 -2.17 17.75 14.30
N ARG C 125 -1.49 17.67 13.15
CA ARG C 125 -0.65 16.52 12.79
C ARG C 125 0.81 16.87 12.34
N HIS C 126 1.16 18.13 12.55
CA HIS C 126 2.52 18.58 12.24
C HIS C 126 3.07 19.32 13.44
N VAL C 127 4.28 18.94 13.89
CA VAL C 127 4.97 19.76 14.90
C VAL C 127 6.42 20.10 14.53
N PRO C 128 6.68 21.40 14.33
CA PRO C 128 8.00 21.95 14.07
C PRO C 128 8.96 21.72 15.21
N VAL C 129 10.23 21.50 14.89
CA VAL C 129 11.24 21.27 15.93
C VAL C 129 12.08 22.52 16.18
N GLU C 130 12.29 22.84 17.46
CA GLU C 130 13.10 23.96 17.87
C GLU C 130 14.17 23.60 18.86
N GLU C 131 15.26 24.35 18.86
CA GLU C 131 16.25 24.39 19.93
C GLU C 131 16.95 25.74 19.87
N ASN C 132 17.36 26.30 21.01
CA ASN C 132 18.02 27.64 21.09
C ASN C 132 17.30 28.68 20.24
N GLY C 133 16.02 28.47 20.07
CA GLY C 133 15.21 29.39 19.31
C GLY C 133 15.17 29.20 17.80
N ARG C 134 15.90 28.21 17.28
CA ARG C 134 15.96 27.93 15.85
C ARG C 134 14.92 26.93 15.40
N LEU C 135 14.55 27.03 14.12
CA LEU C 135 13.81 26.00 13.42
C LEU C 135 14.80 24.88 13.02
N ALA C 136 14.54 23.63 13.43
CA ALA C 136 15.55 22.56 13.22
C ALA C 136 15.01 21.27 12.58
N GLY C 137 13.74 21.28 12.19
CA GLY C 137 13.16 20.16 11.47
C GLY C 137 11.66 20.17 11.64
N ILE C 138 11.03 19.13 11.13
CA ILE C 138 9.57 19.00 11.26
C ILE C 138 9.17 17.53 11.47
N ILE C 139 8.32 17.25 12.45
CA ILE C 139 7.80 15.88 12.67
C ILE C 139 6.31 15.78 12.34
N SER C 140 5.89 14.78 11.56
CA SER C 140 4.45 14.56 11.31
C SER C 140 3.90 13.25 11.91
N ILE C 141 2.56 13.17 12.06
CA ILE C 141 1.90 11.94 12.59
C ILE C 141 2.32 10.65 11.83
N GLY C 142 2.56 10.75 10.53
CA GLY C 142 3.10 9.64 9.76
C GLY C 142 4.47 9.19 10.28
N ASP C 143 5.30 10.15 10.71
CA ASP C 143 6.64 9.80 11.21
C ASP C 143 6.52 8.97 12.51
N VAL C 144 5.74 9.53 13.43
CA VAL C 144 5.43 8.92 14.73
C VAL C 144 4.88 7.50 14.49
N VAL C 145 3.85 7.35 13.66
CA VAL C 145 3.33 6.03 13.36
C VAL C 145 4.37 5.07 12.80
N LYS C 146 5.13 5.46 11.81
CA LYS C 146 6.11 4.54 11.19
C LYS C 146 7.15 4.09 12.22
N ALA C 147 7.46 4.97 13.19
CA ALA C 147 8.43 4.67 14.21
C ALA C 147 7.91 3.56 15.08
N ARG C 148 6.61 3.51 15.32
CA ARG C 148 6.05 2.51 16.25
C ARG C 148 5.88 1.17 15.58
N ILE C 149 6.27 1.00 14.32
CA ILE C 149 6.16 -0.35 13.71
C ILE C 149 7.50 -0.88 13.24
N ALA D 23 -1.01 -38.21 -13.62
CA ALA D 23 -0.50 -36.80 -13.44
C ALA D 23 -0.77 -36.15 -12.06
N THR D 24 -1.31 -36.91 -11.09
CA THR D 24 -2.05 -36.31 -10.00
C THR D 24 -1.61 -36.50 -8.52
N PHE D 25 -0.55 -37.25 -8.23
CA PHE D 25 -0.01 -37.28 -6.83
C PHE D 25 1.17 -36.36 -6.70
N VAL D 26 1.50 -36.04 -5.44
CA VAL D 26 2.69 -35.27 -5.14
C VAL D 26 3.94 -36.04 -5.58
N LYS D 27 3.97 -37.34 -5.27
CA LYS D 27 5.08 -38.20 -5.70
C LYS D 27 5.36 -38.08 -7.22
N ASP D 28 4.30 -38.03 -8.03
CA ASP D 28 4.46 -37.87 -9.49
C ASP D 28 5.16 -36.57 -9.87
N LEU D 29 4.78 -35.50 -9.19
CA LEU D 29 5.30 -34.20 -9.51
C LEU D 29 6.79 -34.10 -9.20
N LEU D 30 7.20 -34.69 -8.10
CA LEU D 30 8.60 -34.71 -7.68
C LEU D 30 9.49 -35.58 -8.60
N ASP D 31 8.94 -36.65 -9.14
CA ASP D 31 9.67 -37.41 -10.16
C ASP D 31 9.99 -36.62 -11.43
N ARG D 32 9.15 -35.67 -11.76
CA ARG D 32 9.33 -34.82 -12.93
C ARG D 32 10.28 -33.66 -12.68
N LYS D 33 10.10 -32.99 -11.56
CA LYS D 33 10.84 -31.77 -11.29
C LYS D 33 12.08 -31.95 -10.43
N GLY D 34 12.04 -32.83 -9.43
CA GLY D 34 13.21 -33.04 -8.55
C GLY D 34 12.89 -32.96 -7.07
N ARG D 35 13.72 -33.60 -6.25
CA ARG D 35 13.48 -33.79 -4.83
C ARG D 35 14.21 -32.73 -4.01
N ASP D 36 15.06 -31.94 -4.67
CA ASP D 36 15.93 -31.05 -3.90
C ASP D 36 15.18 -29.88 -3.30
N VAL D 37 15.67 -29.36 -2.18
CA VAL D 37 15.13 -28.08 -1.66
C VAL D 37 16.24 -27.07 -1.32
N VAL D 38 16.08 -25.85 -1.80
CA VAL D 38 16.96 -24.72 -1.43
C VAL D 38 16.64 -24.10 -0.05
N THR D 39 17.60 -24.11 0.88
CA THR D 39 17.42 -23.62 2.29
C THR D 39 18.43 -22.54 2.69
N VAL D 40 18.01 -21.73 3.65
CA VAL D 40 18.92 -20.83 4.36
C VAL D 40 18.86 -21.08 5.88
N GLY D 41 19.94 -20.73 6.58
CA GLY D 41 19.93 -20.62 8.04
C GLY D 41 19.15 -19.41 8.54
N PRO D 42 18.96 -19.32 9.89
CA PRO D 42 18.10 -18.27 10.48
C PRO D 42 18.77 -16.89 10.68
N ASP D 43 20.11 -16.87 10.70
CA ASP D 43 20.83 -15.63 10.98
C ASP D 43 21.20 -14.83 9.74
N VAL D 44 21.03 -15.46 8.58
CA VAL D 44 21.15 -14.81 7.29
C VAL D 44 20.19 -13.60 7.28
N SER D 45 20.65 -12.47 6.73
CA SER D 45 19.82 -11.28 6.65
C SER D 45 18.82 -11.39 5.52
N ILE D 46 17.72 -10.65 5.68
CA ILE D 46 16.69 -10.56 4.67
C ILE D 46 17.27 -10.13 3.31
N GLY D 47 18.17 -9.16 3.31
CA GLY D 47 18.84 -8.81 2.06
C GLY D 47 19.55 -9.97 1.36
N GLU D 48 20.14 -10.88 2.15
CA GLU D 48 20.92 -11.99 1.60
C GLU D 48 19.97 -13.15 1.20
N ALA D 49 18.92 -13.32 1.99
CA ALA D 49 17.81 -14.19 1.64
C ALA D 49 17.36 -13.88 0.20
N ALA D 50 17.07 -12.59 -0.03
CA ALA D 50 16.68 -12.07 -1.35
C ALA D 50 17.73 -12.39 -2.44
N GLY D 51 19.02 -12.35 -2.11
CA GLY D 51 20.05 -12.68 -3.06
C GLY D 51 19.96 -14.14 -3.45
N THR D 52 19.58 -15.00 -2.50
CA THR D 52 19.49 -16.45 -2.75
C THR D 52 18.30 -16.78 -3.67
N LEU D 53 17.15 -16.18 -3.38
CA LEU D 53 16.01 -16.24 -4.28
C LEU D 53 16.36 -15.90 -5.75
N HIS D 54 17.23 -14.93 -5.94
CA HIS D 54 17.44 -14.55 -7.31
C HIS D 54 18.42 -15.52 -8.06
N ALA D 55 19.55 -15.85 -7.44
CA ALA D 55 20.55 -16.79 -8.00
C ALA D 55 19.92 -18.13 -8.42
N HIS D 56 19.00 -18.67 -7.61
CA HIS D 56 18.31 -19.95 -7.91
C HIS D 56 17.05 -19.79 -8.71
N LYS D 57 16.68 -18.56 -9.04
CA LYS D 57 15.42 -18.29 -9.74
C LYS D 57 14.17 -18.88 -9.02
N ILE D 58 14.03 -18.68 -7.73
CA ILE D 58 12.87 -19.25 -7.06
C ILE D 58 12.17 -18.18 -6.24
N GLY D 59 10.97 -18.48 -5.77
CA GLY D 59 10.19 -17.52 -5.01
C GLY D 59 10.16 -17.75 -3.52
N ALA D 60 10.82 -18.82 -3.07
CA ALA D 60 10.76 -19.17 -1.65
C ALA D 60 11.96 -19.94 -1.22
N VAL D 61 12.16 -19.97 0.08
CA VAL D 61 13.39 -20.51 0.65
C VAL D 61 12.95 -20.97 2.02
N VAL D 62 13.27 -22.21 2.36
CA VAL D 62 12.89 -22.83 3.64
C VAL D 62 14.00 -22.57 4.68
N VAL D 63 13.60 -22.15 5.89
CA VAL D 63 14.50 -21.77 6.96
C VAL D 63 14.72 -22.94 7.94
N THR D 64 15.94 -23.46 7.96
CA THR D 64 16.26 -24.56 8.87
C THR D 64 17.44 -24.24 9.79
N ASP D 65 17.51 -24.93 10.92
CA ASP D 65 18.61 -24.74 11.89
C ASP D 65 19.83 -25.65 11.63
N ALA D 66 20.87 -25.50 12.45
CA ALA D 66 22.07 -26.28 12.29
C ALA D 66 21.78 -27.80 12.30
N ASP D 67 20.64 -28.18 12.91
CA ASP D 67 20.29 -29.59 13.14
C ASP D 67 19.39 -30.18 12.06
N GLY D 68 18.81 -29.30 11.26
CA GLY D 68 17.99 -29.70 10.12
C GLY D 68 16.50 -29.46 10.28
N VAL D 69 16.08 -28.92 11.43
CA VAL D 69 14.64 -28.78 11.65
C VAL D 69 14.11 -27.55 10.95
N VAL D 70 12.89 -27.67 10.44
CA VAL D 70 12.19 -26.59 9.74
C VAL D 70 11.76 -25.54 10.72
N LEU D 71 12.22 -24.31 10.51
CA LEU D 71 11.90 -23.23 11.44
C LEU D 71 10.86 -22.27 10.85
N GLY D 72 10.76 -22.22 9.53
CA GLY D 72 9.78 -21.39 8.86
C GLY D 72 10.04 -21.31 7.38
N ILE D 73 9.22 -20.47 6.75
CA ILE D 73 9.31 -20.23 5.31
C ILE D 73 9.32 -18.75 4.98
N PHE D 74 10.18 -18.35 4.07
CA PHE D 74 10.27 -16.97 3.68
C PHE D 74 10.18 -16.84 2.14
N THR D 75 9.22 -16.03 1.65
CA THR D 75 9.05 -15.76 0.19
C THR D 75 9.28 -14.29 -0.25
N GLU D 76 9.19 -14.07 -1.56
CA GLU D 76 9.03 -12.74 -2.12
C GLU D 76 7.88 -11.94 -1.51
N ARG D 77 6.86 -12.58 -0.95
CA ARG D 77 5.76 -11.84 -0.37
C ARG D 77 6.11 -11.25 0.98
N ASP D 78 6.77 -12.02 1.84
CA ASP D 78 7.38 -11.44 3.09
C ASP D 78 8.42 -10.30 2.80
N LEU D 79 9.13 -10.38 1.69
CA LEU D 79 10.05 -9.28 1.27
C LEU D 79 9.32 -7.90 1.11
N VAL D 80 8.31 -7.88 0.25
CA VAL D 80 7.31 -6.81 0.15
C VAL D 80 6.83 -6.28 1.52
N LYS D 81 6.36 -7.14 2.43
CA LYS D 81 5.76 -6.62 3.69
C LYS D 81 6.80 -5.89 4.57
N ALA D 82 8.05 -6.41 4.52
CA ALA D 82 9.22 -5.88 5.26
C ALA D 82 9.60 -4.52 4.78
N VAL D 83 9.79 -4.39 3.46
CA VAL D 83 10.19 -3.06 2.97
C VAL D 83 9.07 -2.05 3.07
N ALA D 84 7.82 -2.47 2.89
CA ALA D 84 6.71 -1.56 3.09
C ALA D 84 6.71 -0.99 4.51
N GLY D 85 6.90 -1.85 5.50
CA GLY D 85 6.87 -1.41 6.90
C GLY D 85 8.10 -0.61 7.36
N GLN D 86 9.31 -1.09 7.07
CA GLN D 86 10.51 -0.41 7.61
C GLN D 86 11.63 -0.17 6.62
N GLY D 87 11.29 -0.04 5.34
CA GLY D 87 12.22 0.46 4.32
C GLY D 87 13.61 -0.16 4.37
N ALA D 88 14.64 0.64 4.02
CA ALA D 88 16.02 0.15 3.89
C ALA D 88 16.59 -0.64 5.09
N ALA D 89 16.15 -0.30 6.30
CA ALA D 89 16.68 -0.94 7.50
C ALA D 89 16.27 -2.40 7.63
N SER D 90 15.23 -2.80 6.90
CA SER D 90 14.71 -4.15 6.98
C SER D 90 15.65 -5.18 6.33
N LEU D 91 16.49 -4.74 5.39
CA LEU D 91 17.45 -5.63 4.70
C LEU D 91 18.53 -6.15 5.62
N GLN D 92 18.73 -5.42 6.72
CA GLN D 92 19.72 -5.67 7.76
C GLN D 92 19.26 -6.69 8.78
N GLN D 93 17.94 -6.73 8.97
CA GLN D 93 17.26 -7.62 9.91
C GLN D 93 17.34 -9.07 9.52
N SER D 94 17.22 -9.91 10.54
CA SER D 94 17.36 -11.34 10.38
C SER D 94 16.08 -11.91 9.74
N VAL D 95 16.28 -12.87 8.84
CA VAL D 95 15.19 -13.55 8.13
C VAL D 95 14.10 -14.08 9.10
N SER D 96 14.51 -14.32 10.35
CA SER D 96 13.68 -14.87 11.41
C SER D 96 12.52 -13.98 11.86
N VAL D 97 12.71 -12.66 11.84
CA VAL D 97 11.59 -11.81 12.23
C VAL D 97 10.51 -11.57 11.13
N ALA D 98 10.79 -11.95 9.87
CA ALA D 98 9.85 -11.77 8.77
C ALA D 98 9.23 -13.06 8.23
N MET D 99 9.81 -14.20 8.59
CA MET D 99 9.37 -15.50 8.10
C MET D 99 8.10 -15.93 8.78
N THR D 100 7.30 -16.74 8.09
CA THR D 100 6.19 -17.48 8.67
C THR D 100 6.65 -18.79 9.39
N LYS D 101 6.46 -18.83 10.71
CA LYS D 101 6.87 -19.93 11.58
C LYS D 101 5.99 -21.17 11.46
N ASN D 102 4.68 -20.96 11.33
CA ASN D 102 3.69 -22.05 11.17
C ASN D 102 3.51 -22.51 9.71
N VAL D 103 4.30 -23.52 9.33
CA VAL D 103 4.39 -23.91 7.95
C VAL D 103 3.51 -25.14 7.67
N VAL D 104 2.53 -25.01 6.77
CA VAL D 104 1.67 -26.16 6.44
C VAL D 104 2.32 -27.01 5.35
N ARG D 105 2.03 -28.30 5.32
CA ARG D 105 2.75 -29.24 4.47
C ARG D 105 1.83 -30.20 3.76
N CYS D 106 2.40 -31.00 2.85
CA CYS D 106 1.68 -32.08 2.17
C CYS D 106 2.53 -33.35 2.22
N GLN D 107 2.01 -34.45 1.66
CA GLN D 107 2.63 -35.77 1.77
C GLN D 107 2.75 -36.40 0.38
N HIS D 108 3.48 -37.51 0.26
CA HIS D 108 3.79 -38.08 -1.07
C HIS D 108 2.52 -38.44 -1.86
N ASN D 109 1.44 -38.73 -1.11
CA ASN D 109 0.19 -39.24 -1.66
C ASN D 109 -0.98 -38.23 -1.60
N SER D 110 -0.67 -36.98 -1.27
CA SER D 110 -1.56 -35.83 -1.47
C SER D 110 -1.84 -35.66 -2.95
N THR D 111 -3.02 -35.17 -3.29
CA THR D 111 -3.33 -34.96 -4.69
C THR D 111 -3.35 -33.49 -5.06
N THR D 112 -2.97 -33.25 -6.34
CA THR D 112 -3.28 -32.11 -7.20
C THR D 112 -4.53 -31.30 -6.80
N ASP D 113 -5.68 -31.95 -6.69
CA ASP D 113 -6.90 -31.31 -6.19
C ASP D 113 -6.79 -30.70 -4.81
N GLN D 114 -6.27 -31.48 -3.87
CA GLN D 114 -6.23 -31.08 -2.49
C GLN D 114 -5.29 -29.89 -2.41
N LEU D 115 -4.12 -30.02 -3.03
CA LEU D 115 -3.14 -28.95 -3.11
C LEU D 115 -3.76 -27.56 -3.43
N MET D 116 -4.48 -27.51 -4.56
CA MET D 116 -5.22 -26.35 -5.02
C MET D 116 -6.12 -25.77 -3.93
N GLU D 117 -6.73 -26.62 -3.12
CA GLU D 117 -7.63 -26.05 -2.11
C GLU D 117 -6.86 -25.48 -0.94
N ILE D 118 -5.78 -26.14 -0.56
CA ILE D 118 -4.86 -25.68 0.50
C ILE D 118 -4.29 -24.28 0.09
N MET D 119 -3.76 -24.18 -1.14
CA MET D 119 -3.23 -22.91 -1.65
C MET D 119 -4.26 -21.77 -1.73
N THR D 120 -5.50 -22.12 -2.11
CA THR D 120 -6.49 -21.10 -2.30
C THR D 120 -6.97 -20.61 -0.94
N GLY D 121 -7.28 -21.55 -0.06
CA GLY D 121 -7.83 -21.24 1.25
C GLY D 121 -6.83 -20.55 2.14
N GLY D 122 -5.58 -21.01 2.11
CA GLY D 122 -4.55 -20.46 2.97
C GLY D 122 -3.95 -19.18 2.44
N ARG D 123 -4.13 -18.93 1.14
CA ARG D 123 -3.55 -17.82 0.39
C ARG D 123 -2.05 -17.79 0.44
N PHE D 124 -1.44 -18.90 0.04
CA PHE D 124 0.03 -19.04 -0.21
C PHE D 124 0.27 -20.02 -1.33
N ARG D 125 1.53 -20.10 -1.77
CA ARG D 125 1.87 -20.65 -3.09
C ARG D 125 2.94 -21.74 -3.11
N HIS D 126 3.34 -22.17 -1.92
CA HIS D 126 4.43 -23.13 -1.76
C HIS D 126 4.02 -24.07 -0.66
N VAL D 127 4.08 -25.36 -0.90
CA VAL D 127 3.86 -26.29 0.23
C VAL D 127 4.92 -27.37 0.29
N PRO D 128 5.76 -27.30 1.32
CA PRO D 128 6.82 -28.23 1.61
C PRO D 128 6.22 -29.60 1.79
N VAL D 129 6.93 -30.62 1.27
CA VAL D 129 6.60 -32.04 1.38
C VAL D 129 7.26 -32.70 2.60
N GLU D 130 6.47 -33.49 3.34
CA GLU D 130 6.98 -34.25 4.49
C GLU D 130 6.78 -35.79 4.46
N GLY D 133 8.54 -37.66 9.13
CA GLY D 133 8.91 -36.46 9.85
C GLY D 133 10.03 -35.68 9.19
N ARG D 134 10.37 -36.02 7.96
CA ARG D 134 11.45 -35.29 7.31
C ARG D 134 11.00 -34.48 6.09
N LEU D 135 11.77 -33.42 5.80
CA LEU D 135 11.58 -32.63 4.60
C LEU D 135 12.11 -33.40 3.39
N ALA D 136 11.27 -33.55 2.37
CA ALA D 136 11.65 -34.36 1.23
C ALA D 136 11.26 -33.76 -0.14
N GLY D 137 11.01 -32.46 -0.19
CA GLY D 137 10.77 -31.74 -1.45
C GLY D 137 9.93 -30.50 -1.27
N ILE D 138 9.59 -29.84 -2.35
CA ILE D 138 8.69 -28.71 -2.27
C ILE D 138 7.90 -28.57 -3.56
N ILE D 139 6.61 -28.26 -3.38
CA ILE D 139 5.72 -28.08 -4.52
C ILE D 139 5.17 -26.64 -4.62
N SER D 140 5.21 -26.05 -5.81
CA SER D 140 4.68 -24.69 -5.97
C SER D 140 3.50 -24.65 -6.91
N ILE D 141 2.66 -23.61 -6.76
CA ILE D 141 1.53 -23.39 -7.63
C ILE D 141 1.86 -23.55 -9.17
N GLY D 142 3.05 -23.12 -9.62
CA GLY D 142 3.46 -23.32 -10.99
C GLY D 142 3.56 -24.78 -11.37
N ASP D 143 4.09 -25.64 -10.49
CA ASP D 143 4.13 -27.10 -10.75
C ASP D 143 2.72 -27.67 -10.97
N VAL D 144 1.85 -27.40 -10.01
CA VAL D 144 0.49 -27.87 -10.04
C VAL D 144 -0.12 -27.47 -11.38
N VAL D 145 -0.09 -26.18 -11.73
CA VAL D 145 -0.55 -25.69 -13.04
C VAL D 145 0.04 -26.44 -14.23
N LYS D 146 1.34 -26.47 -14.39
CA LYS D 146 1.90 -27.17 -15.55
C LYS D 146 1.45 -28.63 -15.60
N ALA D 147 1.29 -29.29 -14.45
CA ALA D 147 0.78 -30.65 -14.43
C ALA D 147 -0.63 -30.79 -14.98
N ARG D 148 -1.51 -29.81 -14.72
CA ARG D 148 -2.88 -29.87 -15.27
C ARG D 148 -2.92 -29.55 -16.79
N ILE D 149 -1.79 -29.29 -17.44
CA ILE D 149 -1.87 -29.10 -18.90
C ILE D 149 -1.05 -30.12 -19.65
P AMP E . 5.14 -12.60 -11.78
O1P AMP E . 4.11 -11.90 -12.58
O2P AMP E . 5.50 -12.00 -10.47
O3P AMP E . 4.93 -14.11 -11.83
O5' AMP E . 6.33 -12.10 -12.73
C5' AMP E . 7.73 -12.49 -12.75
C4' AMP E . 8.34 -11.71 -13.92
O4' AMP E . 7.46 -11.74 -15.03
C3' AMP E . 8.46 -10.22 -13.60
O3' AMP E . 9.57 -9.57 -14.23
C2' AMP E . 7.30 -9.61 -14.26
O2' AMP E . 7.64 -8.31 -14.64
C1' AMP E . 7.13 -10.44 -15.46
N9 AMP E . 5.72 -10.26 -15.90
C8 AMP E . 4.57 -10.19 -15.20
N7 AMP E . 3.45 -9.95 -15.97
C5 AMP E . 3.92 -9.90 -17.19
C6 AMP E . 3.31 -9.69 -18.49
N6 AMP E . 1.98 -9.52 -18.61
N1 AMP E . 4.14 -9.70 -19.56
C2 AMP E . 5.49 -9.87 -19.46
N3 AMP E . 6.15 -10.05 -18.31
C4 AMP E . 5.40 -10.08 -17.16
PA NAI F . -1.88 -11.80 -6.28
O1A NAI F . -1.74 -11.96 -4.82
O2A NAI F . -1.04 -10.85 -7.13
O5B NAI F . -3.36 -11.34 -6.62
C5B NAI F . -4.44 -11.49 -5.65
C4B NAI F . -5.71 -11.00 -6.28
O4B NAI F . -5.60 -9.62 -6.63
C3B NAI F . -5.88 -11.74 -7.56
O3B NAI F . -7.29 -12.04 -7.59
C2B NAI F . -5.56 -10.77 -8.65
O2B NAI F . -6.63 -10.85 -9.51
C1B NAI F . -5.76 -9.43 -8.02
N9A NAI F . -4.82 -8.42 -8.53
C8A NAI F . -3.50 -8.58 -8.73
N7A NAI F . -2.98 -7.43 -9.22
C5A NAI F . -3.95 -6.53 -9.32
C6A NAI F . -4.06 -5.13 -9.73
N6A NAI F . -2.95 -4.47 -10.16
N1A NAI F . -5.27 -4.52 -9.68
C2A NAI F . -6.35 -5.19 -9.26
N3A NAI F . -6.29 -6.46 -8.84
C4A NAI F . -5.15 -7.18 -8.86
O3 NAI F . -1.89 -13.14 -7.17
PN NAI F . -1.79 -14.73 -6.84
O1N NAI F . -0.46 -15.42 -6.95
O2N NAI F . -2.81 -15.18 -7.82
O5D NAI F . -2.29 -14.87 -5.32
C5D NAI F . -1.49 -15.00 -4.13
C4D NAI F . -2.13 -16.10 -3.29
O4D NAI F . -3.52 -15.78 -3.07
C3D NAI F . -2.08 -17.45 -4.06
O3D NAI F . -1.72 -18.54 -3.19
C2D NAI F . -3.49 -17.74 -4.55
O2D NAI F . -3.78 -19.15 -4.64
C1D NAI F . -4.31 -16.92 -3.53
N1N NAI F . -5.48 -16.40 -4.15
C2N NAI F . -6.65 -16.68 -3.54
C3N NAI F . -7.87 -16.23 -4.09
C7N NAI F . -9.15 -16.54 -3.32
O7N NAI F . -10.24 -16.12 -3.74
N7N NAI F . -9.02 -17.21 -2.17
C4N NAI F . -7.87 -15.48 -5.29
C5N NAI F . -6.63 -15.23 -5.92
C6N NAI F . -5.41 -15.69 -5.32
S SO4 G . 11.41 -5.33 -21.27
O1 SO4 G . 12.49 -5.41 -22.25
O2 SO4 G . 11.65 -6.27 -20.16
O3 SO4 G . 11.34 -3.99 -20.72
O4 SO4 G . 10.16 -5.64 -21.96
P AMP H . -5.50 10.79 3.03
O1P AMP H . -6.57 9.88 3.59
O2P AMP H . -6.03 12.22 3.34
O3P AMP H . -4.00 10.65 3.42
O5' AMP H . -5.37 10.50 1.46
C5' AMP H . -4.13 10.22 0.83
C4' AMP H . -4.25 9.99 -0.68
O4' AMP H . -4.59 8.66 -0.98
C3' AMP H . -5.42 10.66 -1.40
O3' AMP H . -5.04 10.70 -2.80
C2' AMP H . -6.65 9.76 -1.16
O2' AMP H . -7.63 9.82 -2.19
C1' AMP H . -6.05 8.37 -1.16
N9 AMP H . -6.75 7.42 -0.18
C8 AMP H . -7.33 7.72 0.99
N7 AMP H . -7.84 6.61 1.59
C5 AMP H . -7.62 5.57 0.80
C6 AMP H . -7.88 4.12 0.86
N6 AMP H . -8.52 3.53 1.86
N1 AMP H . -7.46 3.38 -0.17
C2 AMP H . -6.80 3.94 -1.19
N3 AMP H . -6.53 5.27 -1.32
C4 AMP H . -6.90 6.11 -0.35
PA NAI I . -10.05 13.26 10.27
O1A NAI I . -9.97 14.68 10.84
O2A NAI I . -10.36 13.06 8.79
O5B NAI I . -11.21 12.81 11.26
C5B NAI I . -10.90 12.68 12.62
C4B NAI I . -12.16 12.04 13.17
O4B NAI I . -13.21 12.09 12.20
C3B NAI I . -11.92 10.56 13.36
O3B NAI I . -12.85 10.16 14.36
C2B NAI I . -12.31 9.99 12.00
O2B NAI I . -12.47 8.59 12.09
C1B NAI I . -13.58 10.79 11.70
N9A NAI I . -14.09 10.78 10.28
C8A NAI I . -13.38 11.06 9.20
N7A NAI I . -14.14 10.89 8.08
C5A NAI I . -15.39 10.53 8.41
C6A NAI I . -16.66 10.23 7.69
N6A NAI I . -16.86 10.27 6.34
N1A NAI I . -17.69 9.85 8.46
C2A NAI I . -17.61 9.79 9.82
N3A NAI I . -16.49 10.05 10.53
C4A NAI I . -15.34 10.45 9.88
O3 NAI I . -8.82 12.27 10.62
PN NAI I . -7.48 12.51 11.49
O1N NAI I . -6.22 12.71 10.63
O2N NAI I . -7.43 11.38 12.50
O5D NAI I . -7.86 13.76 12.49
C5D NAI I . -7.23 15.04 12.52
C4D NAI I . -6.72 15.37 13.89
O4D NAI I . -7.73 15.18 14.88
C3D NAI I . -5.56 14.49 14.26
O3D NAI I . -4.75 15.44 14.88
C2D NAI I . -6.08 13.56 15.37
O2D NAI I . -5.11 13.07 16.35
C1D NAI I . -7.21 14.42 15.98
N1N NAI I . -8.21 13.53 16.56
C2N NAI I . -8.60 13.74 17.82
C3N NAI I . -9.57 12.91 18.43
C7N NAI I . -10.01 13.15 19.88
O7N NAI I . -10.90 12.42 20.39
N7N NAI I . -9.42 14.11 20.62
C4N NAI I . -10.09 11.84 17.70
C5N NAI I . -9.63 11.63 16.40
C6N NAI I . -8.70 12.50 15.85
S SO4 J . -7.64 4.99 -8.93
O1 SO4 J . -7.61 4.17 -10.15
O2 SO4 J . -8.35 4.30 -7.82
O3 SO4 J . -6.24 5.32 -8.60
O4 SO4 J . -8.39 6.23 -9.16
P AMP K . -3.02 19.46 10.29
O1P AMP K . -1.62 19.42 10.84
O2P AMP K . -3.18 19.57 8.79
O3P AMP K . -3.88 18.34 10.84
O5' AMP K . -3.58 20.80 11.05
C5' AMP K . -4.96 21.07 11.28
C4' AMP K . -5.19 22.43 11.93
O4' AMP K . -4.28 22.60 13.01
C3' AMP K . -4.97 23.64 11.03
O3' AMP K . -5.83 24.64 11.57
C2' AMP K . -3.50 23.97 11.26
O2' AMP K . -2.92 25.24 10.78
C1' AMP K . -3.37 23.68 12.75
N9 AMP K . -1.98 23.31 13.02
C8 AMP K . -1.10 22.64 12.21
N7 AMP K . 0.16 22.53 12.75
C5 AMP K . 0.04 23.17 13.94
C6 AMP K . 0.99 23.41 15.03
N6 AMP K . 2.25 22.94 14.91
N1 AMP K . 0.51 24.11 16.10
C2 AMP K . -0.80 24.56 16.17
N3 AMP K . -1.74 24.36 15.20
C4 AMP K . -1.33 23.67 14.10
PA NAI L . 2.83 14.83 5.32
O1A NAI L . 2.22 14.27 4.08
O2A NAI L . 2.97 16.31 5.48
O5B NAI L . 4.37 14.39 5.58
C5B NAI L . 4.98 13.29 4.87
C4B NAI L . 6.47 13.13 5.09
O4B NAI L . 6.94 14.40 4.70
C3B NAI L . 6.87 13.02 6.56
O3B NAI L . 8.17 12.44 6.72
C2B NAI L . 6.91 14.45 7.06
O2B NAI L . 7.81 14.57 8.17
C1B NAI L . 7.42 15.14 5.82
N9A NAI L . 6.97 16.52 5.80
C8A NAI L . 5.71 17.04 5.96
N7A NAI L . 5.77 18.41 5.86
C5A NAI L . 7.07 18.77 5.66
C6A NAI L . 7.89 20.03 5.48
N6A NAI L . 7.32 21.27 5.49
N1A NAI L . 9.24 19.92 5.28
C2A NAI L . 9.87 18.73 5.23
N3A NAI L . 9.20 17.57 5.39
C4A NAI L . 7.84 17.52 5.59
O3 NAI L . 1.99 14.31 6.57
PN NAI L . 1.76 12.73 6.90
O1N NAI L . 0.28 12.51 7.22
O2N NAI L . 2.73 12.51 7.97
O5D NAI L . 2.10 11.91 5.57
C5D NAI L . 0.95 11.46 4.81
C4D NAI L . 0.75 9.96 4.66
O4D NAI L . 2.00 9.37 4.27
C3D NAI L . 0.34 9.29 5.96
O3D NAI L . -0.65 8.34 5.60
C2D NAI L . 1.57 8.55 6.47
O2D NAI L . 1.27 7.27 6.97
C1D NAI L . 2.45 8.40 5.24
N1N NAI L . 3.91 8.44 5.55
C2N NAI L . 4.67 7.40 5.15
C3N NAI L . 6.04 7.38 5.43
C7N NAI L . 6.90 6.23 5.00
O7N NAI L . 8.08 6.25 5.24
N7N NAI L . 6.37 5.17 4.40
C4N NAI L . 6.60 8.45 6.16
C5N NAI L . 5.80 9.51 6.60
C6N NAI L . 4.45 9.47 6.26
S SO4 M . -3.87 31.87 15.12
O1 SO4 M . -4.21 31.26 13.82
O2 SO4 M . -2.58 31.46 15.66
O3 SO4 M . -3.88 33.33 14.89
O4 SO4 M . -4.84 31.60 16.21
P AMP N . 3.66 -17.16 -1.22
O1P AMP N . 4.21 -18.55 -1.12
O2P AMP N . 4.71 -16.21 -1.78
O3P AMP N . 2.27 -17.06 -1.87
O5' AMP N . 3.51 -16.71 0.31
C5' AMP N . 2.43 -15.95 0.88
C4' AMP N . 2.63 -15.81 2.42
O4' AMP N . 2.36 -17.01 3.20
C3' AMP N . 4.04 -15.46 2.87
O3' AMP N . 3.91 -14.60 4.02
C2' AMP N . 4.73 -16.75 3.34
O2' AMP N . 5.64 -16.49 4.45
C1' AMP N . 3.54 -17.63 3.76
N9 AMP N . 3.66 -19.02 3.25
C8 AMP N . 4.15 -19.49 2.10
N7 AMP N . 4.08 -20.86 1.99
C5 AMP N . 3.51 -21.28 3.11
C6 AMP N . 3.08 -22.62 3.70
N6 AMP N . 3.31 -23.73 2.97
N1 AMP N . 2.49 -22.69 4.95
C2 AMP N . 2.30 -21.52 5.62
N3 AMP N . 2.62 -20.26 5.17
C4 AMP N . 3.22 -20.08 3.95
PA NAI O . 8.49 -20.39 -7.98
O1A NAI O . 8.97 -19.29 -8.93
O2A NAI O . 8.68 -20.31 -6.46
O5B NAI O . 8.96 -21.83 -8.52
C5B NAI O . 9.70 -21.98 -9.72
C4B NAI O . 10.23 -23.40 -9.58
O4B NAI O . 11.08 -23.52 -8.44
C3B NAI O . 9.12 -24.41 -9.30
O3B NAI O . 9.52 -25.60 -10.01
C2B NAI O . 9.16 -24.66 -7.79
O2B NAI O . 8.94 -26.03 -7.55
C1B NAI O . 10.62 -24.50 -7.49
N9A NAI O . 11.02 -24.02 -6.14
C8A NAI O . 10.57 -22.91 -5.51
N7A NAI O . 11.21 -22.70 -4.31
C5A NAI O . 12.10 -23.71 -4.14
C6A NAI O . 13.07 -24.14 -3.09
N6A NAI O . 13.26 -23.45 -1.93
N1A NAI O . 13.81 -25.25 -3.32
C2A NAI O . 13.67 -25.97 -4.43
N3A NAI O . 12.77 -25.68 -5.39
C4A NAI O . 11.98 -24.57 -5.34
O3 NAI O . 6.86 -20.68 -8.04
PN NAI O . 5.73 -20.39 -9.18
O1N NAI O . 5.03 -19.17 -8.70
O2N NAI O . 4.95 -21.66 -9.49
O5D NAI O . 6.51 -20.02 -10.55
C5D NAI O . 6.83 -18.73 -11.05
C4D NAI O . 6.61 -18.68 -12.55
O4D NAI O . 7.13 -19.79 -13.25
C3D NAI O . 5.13 -18.80 -12.77
O3D NAI O . 4.74 -17.72 -13.65
C2D NAI O . 4.87 -20.20 -13.32
O2D NAI O . 3.76 -20.11 -14.21
C1D NAI O . 6.17 -20.60 -13.96
N1N NAI O . 6.66 -22.00 -13.74
C2N NAI O . 7.09 -22.77 -14.78
C3N NAI O . 7.63 -24.07 -14.59
C7N NAI O . 8.09 -24.92 -15.78
O7N NAI O . 8.34 -26.14 -15.67
N7N NAI O . 8.22 -24.24 -16.93
C4N NAI O . 7.72 -24.62 -13.30
C5N NAI O . 7.28 -23.80 -12.26
C6N NAI O . 6.77 -22.51 -12.50
S SO4 P . 4.15 -17.00 12.04
O1 SO4 P . 4.10 -18.37 11.54
O2 SO4 P . 5.11 -16.17 11.31
O3 SO4 P . 2.80 -16.44 11.92
O4 SO4 P . 4.60 -16.97 13.43
#